data_1LPM
#
_entry.id   1LPM
#
_cell.length_a   65.200
_cell.length_b   97.500
_cell.length_c   176.300
_cell.angle_alpha   90.00
_cell.angle_beta   90.00
_cell.angle_gamma   90.00
#
_symmetry.space_group_name_H-M   'C 2 2 21'
#
loop_
_entity.id
_entity.type
_entity.pdbx_description
1 polymer LIPASE
2 branched 2-acetamido-2-deoxy-beta-D-glucopyranose-(1-4)-2-acetamido-2-deoxy-beta-D-glucopyranose
3 non-polymer 2-acetamido-2-deoxy-beta-D-glucopyranose
4 non-polymer 'CALCIUM ION'
5 non-polymer '(1R)-MENTHYL HEXYL PHOSPHONATE GROUP'
6 water water
#
_entity_poly.entity_id   1
_entity_poly.type   'polypeptide(L)'
_entity_poly.pdbx_seq_one_letter_code
;MELALALSLIASVAAAPTATLANGDTITGLNAIINEAFLGIPFAEPPVGNLRFKDPVPYSGSLDGQKFTSYGPSCMQQNP
EGTYEENLPKAALDLVMQSKVFEAVSPSSEDCLTINVVRPPGTKAGANLPVMLWIFGGGFEVGGTSTFPPAQMITKSIAM
GKPIIHVSVNYRVSSWGFLAGDEIKAEGSANAGLKDQRLGMQWVADNIAAFGGDPTKVTIFGESAGSMSVMCHILWNDGD
NTYKGKPLFRAGIMQSGAMVPSDAVDGIYGNEIFDLLASNAGCGSASDKLACLRGVSSDTLEDATNNTPGFLAYSSLRLS
YLPRPDGVNITDDMYALVREGKYANIPVIIGDQNDEGTFFGTSSLNVTTDAQAREYFKQSFVHASDAEIDTLMTAYPGDI
TQGSPFDTGILNALTPQFKRISAVLGDLGFTLARRYFLNHYTGGTKYSFLSKQLSGLPVLGTFHSNDIVFQDYLLGSGSL
IYNNAFIAFATDLDPNTAGLLVKWPEYTSSSQSGNNLMMINALGLYTGKDNFRTAGYDALFSNPPSFFV
;
_entity_poly.pdbx_strand_id   A
#
# COMPACT_ATOMS: atom_id res chain seq x y z
N ALA A 16 28.25 -13.31 12.04
CA ALA A 16 29.25 -13.07 10.95
C ALA A 16 29.10 -11.67 10.35
N PRO A 17 27.97 -11.36 9.63
CA PRO A 17 27.88 -9.99 9.10
C PRO A 17 27.82 -9.01 10.28
N THR A 18 28.37 -7.82 10.12
CA THR A 18 28.38 -6.87 11.22
C THR A 18 28.22 -5.41 10.78
N ALA A 19 27.59 -4.61 11.63
CA ALA A 19 27.39 -3.20 11.35
C ALA A 19 27.60 -2.42 12.65
N THR A 20 27.90 -1.14 12.53
CA THR A 20 28.09 -0.27 13.69
C THR A 20 27.17 0.94 13.48
N LEU A 21 26.03 0.95 14.18
CA LEU A 21 25.04 2.03 14.06
C LEU A 21 25.55 3.41 14.39
N ALA A 22 24.68 4.40 14.19
CA ALA A 22 25.01 5.79 14.47
C ALA A 22 25.36 5.97 15.94
N ASN A 23 24.57 5.37 16.83
CA ASN A 23 24.82 5.50 18.27
C ASN A 23 26.00 4.63 18.74
N GLY A 24 26.83 4.18 17.80
CA GLY A 24 27.98 3.38 18.15
C GLY A 24 27.76 1.90 18.39
N ASP A 25 26.51 1.45 18.51
CA ASP A 25 26.24 0.02 18.74
C ASP A 25 26.76 -0.83 17.58
N THR A 26 27.04 -2.08 17.86
CA THR A 26 27.53 -2.96 16.84
C THR A 26 26.72 -4.23 16.86
N ILE A 27 26.01 -4.45 15.76
CA ILE A 27 25.18 -5.61 15.64
C ILE A 27 25.70 -6.62 14.64
N THR A 28 25.16 -7.82 14.76
CA THR A 28 25.49 -8.94 13.94
C THR A 28 24.23 -9.43 13.19
N GLY A 29 24.44 -9.84 11.95
CA GLY A 29 23.36 -10.33 11.14
C GLY A 29 23.60 -11.77 10.76
N LEU A 30 22.92 -12.20 9.71
CA LEU A 30 23.00 -13.55 9.24
C LEU A 30 23.55 -13.57 7.83
N ASN A 31 24.43 -14.50 7.53
CA ASN A 31 24.98 -14.63 6.20
C ASN A 31 24.17 -15.76 5.56
N ALA A 32 23.28 -15.40 4.63
CA ALA A 32 22.40 -16.35 3.94
C ALA A 32 23.00 -16.86 2.64
N ILE A 33 24.30 -16.63 2.45
CA ILE A 33 25.08 -17.02 1.27
C ILE A 33 24.82 -16.09 0.08
N ILE A 34 23.59 -16.08 -0.41
CA ILE A 34 23.21 -15.24 -1.54
C ILE A 34 22.94 -13.78 -1.14
N ASN A 35 23.01 -13.51 0.15
CA ASN A 35 22.85 -12.16 0.69
C ASN A 35 23.12 -12.18 2.19
N GLU A 36 23.26 -10.99 2.77
CA GLU A 36 23.50 -10.82 4.20
C GLU A 36 22.29 -10.05 4.72
N ALA A 37 21.70 -10.55 5.79
CA ALA A 37 20.50 -9.94 6.33
C ALA A 37 20.59 -9.52 7.80
N PHE A 38 19.98 -8.39 8.13
CA PHE A 38 19.90 -7.89 9.50
C PHE A 38 18.38 -7.71 9.71
N LEU A 39 17.75 -8.74 10.29
CA LEU A 39 16.30 -8.80 10.50
C LEU A 39 15.86 -8.53 11.93
N GLY A 40 14.76 -7.79 12.08
CA GLY A 40 14.20 -7.49 13.39
C GLY A 40 14.80 -6.36 14.23
N ILE A 41 15.50 -5.42 13.63
CA ILE A 41 16.08 -4.30 14.37
C ILE A 41 14.96 -3.37 14.80
N PRO A 42 14.82 -3.12 16.11
CA PRO A 42 13.75 -2.24 16.60
C PRO A 42 14.06 -0.79 16.29
N PHE A 43 13.11 -0.09 15.67
CA PHE A 43 13.37 1.31 15.37
C PHE A 43 12.56 2.23 16.25
N ALA A 44 11.65 1.65 17.04
CA ALA A 44 10.83 2.44 17.93
C ALA A 44 10.45 1.71 19.22
N GLU A 45 10.04 2.48 20.22
CA GLU A 45 9.59 1.92 21.48
C GLU A 45 8.26 1.20 21.16
N PRO A 46 7.95 0.10 21.86
CA PRO A 46 6.70 -0.63 21.60
C PRO A 46 5.48 0.26 21.83
N PRO A 47 4.60 0.39 20.82
CA PRO A 47 3.41 1.22 20.89
C PRO A 47 2.32 0.56 21.71
N VAL A 48 2.71 0.08 22.88
CA VAL A 48 1.82 -0.62 23.78
C VAL A 48 1.40 0.26 24.98
N GLY A 49 0.35 -0.17 25.67
CA GLY A 49 -0.15 0.55 26.82
C GLY A 49 -0.76 1.89 26.45
N ASN A 50 -0.33 2.95 27.13
CA ASN A 50 -0.84 4.26 26.83
C ASN A 50 -0.19 4.85 25.57
N LEU A 51 0.70 4.08 24.93
CA LEU A 51 1.35 4.53 23.68
C LEU A 51 0.53 4.10 22.43
N ARG A 52 -0.56 3.38 22.69
CA ARG A 52 -1.47 2.90 21.67
C ARG A 52 -2.08 4.05 20.89
N PHE A 53 -2.28 3.80 19.58
CA PHE A 53 -2.86 4.74 18.64
C PHE A 53 -2.06 6.04 18.51
N LYS A 54 -0.95 6.15 19.24
CA LYS A 54 -0.13 7.36 19.24
C LYS A 54 1.09 7.28 18.33
N ASP A 55 1.69 8.45 18.06
CA ASP A 55 2.89 8.59 17.24
C ASP A 55 3.99 7.66 17.75
N PRO A 56 4.82 7.10 16.86
CA PRO A 56 5.88 6.20 17.33
C PRO A 56 7.00 6.98 18.04
N VAL A 57 7.57 6.38 19.08
CA VAL A 57 8.65 7.02 19.84
C VAL A 57 9.95 6.36 19.38
N PRO A 58 10.98 7.16 19.04
CA PRO A 58 12.25 6.59 18.58
C PRO A 58 12.80 5.62 19.61
N TYR A 59 13.46 4.56 19.16
CA TYR A 59 14.02 3.59 20.09
C TYR A 59 15.25 4.12 20.79
N SER A 60 15.23 4.08 22.11
CA SER A 60 16.35 4.52 22.92
C SER A 60 16.72 3.33 23.80
N GLY A 61 17.84 2.70 23.49
CA GLY A 61 18.29 1.53 24.25
C GLY A 61 19.57 1.06 23.60
N SER A 62 20.03 -0.13 23.96
CA SER A 62 21.25 -0.58 23.34
C SER A 62 21.06 -1.87 22.57
N LEU A 63 21.69 -1.91 21.40
CA LEU A 63 21.65 -3.04 20.48
C LEU A 63 23.07 -3.59 20.39
N ASP A 64 23.95 -3.01 21.19
CA ASP A 64 25.34 -3.40 21.22
C ASP A 64 25.46 -4.90 21.43
N GLY A 65 26.26 -5.53 20.58
CA GLY A 65 26.49 -6.95 20.69
C GLY A 65 25.28 -7.82 20.48
N GLN A 66 24.23 -7.29 19.85
CA GLN A 66 23.05 -8.09 19.62
C GLN A 66 22.99 -8.72 18.24
N LYS A 67 22.33 -9.88 18.17
CA LYS A 67 22.17 -10.61 16.92
C LYS A 67 20.78 -10.35 16.34
N PHE A 68 20.74 -10.11 15.04
CA PHE A 68 19.50 -9.82 14.32
C PHE A 68 19.44 -10.74 13.12
N THR A 69 18.99 -11.96 13.38
CA THR A 69 18.95 -12.96 12.34
C THR A 69 17.56 -13.51 11.97
N SER A 70 16.50 -12.83 12.40
CA SER A 70 15.14 -13.27 12.05
C SER A 70 14.13 -12.13 12.17
N TYR A 71 13.09 -12.17 11.35
CA TYR A 71 12.06 -11.14 11.36
C TYR A 71 11.32 -11.20 12.68
N GLY A 72 10.88 -10.06 13.17
CA GLY A 72 10.13 -10.04 14.42
C GLY A 72 8.67 -10.32 14.13
N PRO A 73 7.76 -10.24 15.11
CA PRO A 73 6.36 -10.50 14.77
C PRO A 73 5.80 -9.29 14.03
N SER A 74 4.78 -9.56 13.22
CA SER A 74 4.11 -8.50 12.48
C SER A 74 3.22 -7.84 13.50
N CYS A 75 2.70 -6.66 13.16
CA CYS A 75 1.79 -5.95 14.05
C CYS A 75 0.49 -6.77 14.06
N MET A 76 -0.43 -6.42 14.94
CA MET A 76 -1.68 -7.18 15.03
C MET A 76 -2.41 -7.17 13.69
N GLN A 77 -3.04 -8.27 13.36
CA GLN A 77 -3.75 -8.41 12.08
C GLN A 77 -5.26 -8.38 12.25
N GLN A 78 -5.99 -7.93 11.24
CA GLN A 78 -7.45 -7.93 11.30
C GLN A 78 -7.96 -9.03 10.40
N ASN A 79 -9.04 -9.71 10.83
CA ASN A 79 -9.65 -10.77 10.03
C ASN A 79 -10.25 -10.09 8.79
N PRO A 80 -9.71 -10.37 7.60
CA PRO A 80 -10.18 -9.79 6.35
C PRO A 80 -11.69 -9.89 6.18
N GLU A 81 -12.28 -10.94 6.72
CA GLU A 81 -13.73 -11.19 6.66
C GLU A 81 -14.44 -10.73 7.93
N GLY A 82 -13.80 -9.86 8.71
CA GLY A 82 -14.41 -9.38 9.93
C GLY A 82 -15.57 -8.47 9.60
N THR A 83 -16.49 -8.33 10.55
CA THR A 83 -17.66 -7.50 10.37
C THR A 83 -18.47 -7.70 11.61
N TYR A 84 -19.39 -6.77 11.87
CA TYR A 84 -20.25 -6.83 13.03
C TYR A 84 -21.28 -7.94 12.86
N GLU A 85 -21.42 -8.41 11.62
CA GLU A 85 -22.34 -9.48 11.29
C GLU A 85 -21.65 -10.80 11.62
N GLU A 86 -22.42 -11.86 11.72
CA GLU A 86 -21.84 -13.15 11.98
C GLU A 86 -22.09 -13.95 10.71
N ASN A 87 -21.06 -14.66 10.26
CA ASN A 87 -21.17 -15.49 9.08
C ASN A 87 -20.07 -16.54 9.04
N LEU A 88 -20.14 -17.40 8.04
CA LEU A 88 -19.22 -18.50 7.87
C LEU A 88 -17.76 -18.12 7.55
N PRO A 89 -17.53 -17.26 6.54
CA PRO A 89 -16.14 -16.90 6.24
C PRO A 89 -15.47 -16.19 7.42
N LYS A 90 -16.25 -15.40 8.17
CA LYS A 90 -15.73 -14.71 9.34
C LYS A 90 -15.27 -15.81 10.31
N ALA A 91 -16.20 -16.73 10.61
CA ALA A 91 -15.95 -17.86 11.51
C ALA A 91 -14.74 -18.69 11.12
N ALA A 92 -14.67 -19.04 9.84
CA ALA A 92 -13.60 -19.84 9.27
C ALA A 92 -12.20 -19.22 9.39
N LEU A 93 -12.08 -17.95 9.03
CA LEU A 93 -10.81 -17.22 9.09
C LEU A 93 -10.36 -17.02 10.51
N ASP A 94 -11.32 -16.85 11.41
CA ASP A 94 -11.00 -16.67 12.82
C ASP A 94 -10.43 -17.99 13.40
N LEU A 95 -11.04 -19.09 12.98
CA LEU A 95 -10.65 -20.43 13.38
C LEU A 95 -9.19 -20.65 12.97
N VAL A 96 -8.87 -20.24 11.75
CA VAL A 96 -7.52 -20.35 11.23
C VAL A 96 -6.55 -19.37 11.91
N MET A 97 -6.92 -18.11 11.94
CA MET A 97 -6.07 -17.08 12.53
C MET A 97 -5.73 -17.22 14.01
N GLN A 98 -6.62 -17.81 14.79
CA GLN A 98 -6.35 -17.97 16.21
C GLN A 98 -5.71 -19.33 16.53
N SER A 99 -5.38 -20.09 15.49
CA SER A 99 -4.80 -21.40 15.72
C SER A 99 -3.35 -21.32 16.16
N LYS A 100 -2.96 -22.26 17.00
CA LYS A 100 -1.59 -22.28 17.50
C LYS A 100 -0.60 -22.51 16.37
N VAL A 101 -1.03 -23.24 15.35
CA VAL A 101 -0.18 -23.52 14.20
C VAL A 101 0.08 -22.22 13.44
N PHE A 102 -0.98 -21.44 13.25
CA PHE A 102 -0.90 -20.17 12.55
C PHE A 102 -0.08 -19.17 13.35
N GLU A 103 -0.34 -19.10 14.65
CA GLU A 103 0.37 -18.18 15.52
C GLU A 103 1.83 -18.56 15.67
N ALA A 104 2.16 -19.80 15.32
CA ALA A 104 3.54 -20.27 15.40
C ALA A 104 4.26 -19.83 14.15
N VAL A 105 3.67 -20.15 13.00
CA VAL A 105 4.27 -19.81 11.72
C VAL A 105 4.19 -18.32 11.38
N SER A 106 3.15 -17.64 11.86
CA SER A 106 2.96 -16.22 11.60
C SER A 106 2.59 -15.42 12.87
N PRO A 107 3.58 -15.18 13.74
CA PRO A 107 3.35 -14.45 14.98
C PRO A 107 3.11 -12.97 14.77
N SER A 108 2.15 -12.44 15.52
CA SER A 108 1.81 -11.03 15.43
C SER A 108 1.89 -10.45 16.83
N SER A 109 2.20 -9.16 16.93
CA SER A 109 2.30 -8.53 18.24
C SER A 109 2.16 -7.01 18.14
N GLU A 110 1.73 -6.37 19.22
CA GLU A 110 1.63 -4.90 19.25
C GLU A 110 3.04 -4.33 19.28
N ASP A 111 3.98 -5.12 19.79
CA ASP A 111 5.37 -4.69 19.79
C ASP A 111 5.85 -5.30 18.49
N CYS A 112 5.81 -4.51 17.41
CA CYS A 112 6.13 -5.01 16.09
C CYS A 112 6.91 -4.02 15.24
N LEU A 113 7.24 -2.87 15.82
CA LEU A 113 7.95 -1.84 15.07
C LEU A 113 9.44 -2.10 14.85
N THR A 114 9.76 -3.03 13.94
CA THR A 114 11.13 -3.41 13.61
C THR A 114 11.47 -3.11 12.14
N ILE A 115 12.75 -3.09 11.81
CA ILE A 115 13.20 -2.79 10.46
C ILE A 115 14.18 -3.88 10.01
N ASN A 116 14.19 -4.18 8.70
CA ASN A 116 15.04 -5.22 8.11
C ASN A 116 15.95 -4.73 6.99
N VAL A 117 17.26 -5.00 7.09
CA VAL A 117 18.20 -4.58 6.06
C VAL A 117 18.81 -5.81 5.41
N VAL A 118 18.76 -5.90 4.09
CA VAL A 118 19.30 -7.04 3.37
C VAL A 118 20.19 -6.51 2.25
N ARG A 119 21.41 -7.02 2.17
CA ARG A 119 22.36 -6.55 1.17
C ARG A 119 23.08 -7.65 0.40
N PRO A 120 23.70 -7.29 -0.72
CA PRO A 120 24.43 -8.28 -1.50
C PRO A 120 25.59 -8.77 -0.64
N PRO A 121 26.01 -10.04 -0.79
CA PRO A 121 27.12 -10.48 0.05
C PRO A 121 28.42 -9.71 -0.24
N GLY A 122 29.15 -9.41 0.83
CA GLY A 122 30.42 -8.72 0.67
C GLY A 122 30.33 -7.23 0.87
N THR A 123 29.11 -6.71 0.98
CA THR A 123 28.92 -5.28 1.16
C THR A 123 29.50 -4.81 2.48
N LYS A 124 30.17 -3.66 2.41
CA LYS A 124 30.83 -3.03 3.55
C LYS A 124 30.36 -1.58 3.71
N ALA A 125 30.53 -1.02 4.90
CA ALA A 125 30.17 0.37 5.15
C ALA A 125 30.94 1.23 4.17
N GLY A 126 30.27 2.22 3.59
CA GLY A 126 30.92 3.09 2.63
C GLY A 126 30.66 2.72 1.17
N ALA A 127 30.09 1.53 0.92
CA ALA A 127 29.81 1.10 -0.45
C ALA A 127 28.96 2.11 -1.21
N ASN A 128 28.04 2.78 -0.50
CA ASN A 128 27.15 3.78 -1.07
C ASN A 128 26.17 3.25 -2.14
N LEU A 129 25.67 2.05 -1.93
CA LEU A 129 24.72 1.43 -2.85
C LEU A 129 23.38 2.12 -2.76
N PRO A 130 22.62 2.12 -3.87
CA PRO A 130 21.30 2.76 -3.83
C PRO A 130 20.44 1.90 -2.87
N VAL A 131 19.46 2.53 -2.23
CA VAL A 131 18.58 1.86 -1.29
C VAL A 131 17.12 1.79 -1.78
N MET A 132 16.54 0.60 -1.69
CA MET A 132 15.14 0.40 -2.07
C MET A 132 14.34 0.07 -0.80
N LEU A 133 13.61 1.07 -0.29
CA LEU A 133 12.83 0.91 0.91
C LEU A 133 11.41 0.43 0.58
N TRP A 134 11.12 -0.83 0.87
CA TRP A 134 9.83 -1.46 0.61
C TRP A 134 8.74 -1.17 1.64
N ILE A 135 7.53 -0.85 1.16
CA ILE A 135 6.38 -0.59 2.03
C ILE A 135 5.28 -1.57 1.58
N PHE A 136 5.04 -2.59 2.39
CA PHE A 136 4.05 -3.63 2.06
C PHE A 136 2.60 -3.15 1.99
N GLY A 137 1.79 -3.88 1.22
CA GLY A 137 0.40 -3.53 1.10
C GLY A 137 -0.44 -4.68 1.59
N GLY A 138 -1.38 -4.38 2.47
CA GLY A 138 -2.27 -5.41 3.01
C GLY A 138 -3.63 -4.82 3.36
N GLY A 139 -4.13 -3.92 2.50
CA GLY A 139 -5.42 -3.27 2.71
C GLY A 139 -5.53 -2.42 3.96
N PHE A 140 -4.37 -1.96 4.47
CA PHE A 140 -4.24 -1.15 5.71
C PHE A 140 -4.84 -1.89 6.91
N GLU A 141 -4.97 -3.22 6.81
CA GLU A 141 -5.56 -4.05 7.86
C GLU A 141 -4.80 -5.34 8.23
N VAL A 142 -3.88 -5.76 7.38
CA VAL A 142 -3.05 -6.93 7.62
C VAL A 142 -1.72 -6.69 6.90
N GLY A 143 -0.78 -7.61 7.09
CA GLY A 143 0.50 -7.49 6.43
C GLY A 143 1.71 -7.41 7.32
N GLY A 144 2.84 -7.80 6.75
CA GLY A 144 4.11 -7.78 7.44
C GLY A 144 5.21 -7.91 6.41
N THR A 145 6.43 -7.59 6.83
CA THR A 145 7.61 -7.63 5.98
C THR A 145 8.12 -9.04 5.62
N SER A 146 7.94 -10.00 6.51
CA SER A 146 8.43 -11.37 6.29
C SER A 146 7.90 -12.09 5.06
N THR A 147 6.77 -11.62 4.53
CA THR A 147 6.17 -12.24 3.36
C THR A 147 6.62 -11.69 2.02
N PHE A 148 7.54 -10.74 2.05
CA PHE A 148 8.01 -10.13 0.82
C PHE A 148 9.51 -10.30 0.68
N PRO A 149 9.93 -11.49 0.23
CA PRO A 149 11.32 -11.90 0.01
C PRO A 149 12.14 -10.99 -0.90
N PRO A 150 13.20 -10.32 -0.36
CA PRO A 150 14.05 -9.43 -1.16
C PRO A 150 15.09 -10.11 -2.05
N ALA A 151 15.28 -11.41 -1.85
CA ALA A 151 16.29 -12.17 -2.58
C ALA A 151 16.24 -12.07 -4.10
N GLN A 152 15.05 -12.16 -4.68
CA GLN A 152 14.96 -12.09 -6.13
C GLN A 152 15.47 -10.74 -6.62
N MET A 153 15.03 -9.67 -5.94
CA MET A 153 15.43 -8.31 -6.28
C MET A 153 16.95 -8.17 -6.17
N ILE A 154 17.47 -8.42 -4.97
CA ILE A 154 18.88 -8.33 -4.69
C ILE A 154 19.73 -9.10 -5.69
N THR A 155 19.36 -10.34 -5.96
CA THR A 155 20.15 -11.12 -6.88
C THR A 155 20.17 -10.51 -8.29
N LYS A 156 19.00 -10.18 -8.83
CA LYS A 156 18.98 -9.61 -10.16
C LYS A 156 19.83 -8.33 -10.20
N SER A 157 19.83 -7.55 -9.12
CA SER A 157 20.60 -6.31 -9.12
C SER A 157 22.09 -6.55 -9.27
N ILE A 158 22.56 -7.64 -8.67
CA ILE A 158 23.97 -8.00 -8.75
C ILE A 158 24.27 -8.45 -10.17
N ALA A 159 23.40 -9.29 -10.71
CA ALA A 159 23.55 -9.80 -12.07
C ALA A 159 23.58 -8.64 -13.06
N MET A 160 22.79 -7.61 -12.80
CA MET A 160 22.73 -6.43 -13.66
C MET A 160 23.93 -5.51 -13.45
N GLY A 161 24.69 -5.75 -12.39
CA GLY A 161 25.83 -4.89 -12.13
C GLY A 161 25.35 -3.59 -11.51
N LYS A 162 24.18 -3.63 -10.89
CA LYS A 162 23.63 -2.45 -10.23
C LYS A 162 23.13 -2.90 -8.86
N PRO A 163 24.03 -3.39 -8.00
CA PRO A 163 23.66 -3.86 -6.66
C PRO A 163 22.94 -2.80 -5.80
N ILE A 164 21.90 -3.23 -5.11
CA ILE A 164 21.12 -2.33 -4.28
C ILE A 164 20.88 -2.97 -2.92
N ILE A 165 20.52 -2.15 -1.95
CA ILE A 165 20.23 -2.67 -0.62
C ILE A 165 18.72 -2.58 -0.44
N HIS A 166 18.12 -3.67 0.00
CA HIS A 166 16.68 -3.75 0.20
C HIS A 166 16.36 -3.50 1.66
N VAL A 167 15.51 -2.52 1.93
CA VAL A 167 15.11 -2.23 3.29
C VAL A 167 13.58 -2.34 3.39
N SER A 168 13.08 -2.88 4.50
CA SER A 168 11.63 -3.02 4.68
C SER A 168 11.29 -2.59 6.09
N VAL A 169 10.11 -1.99 6.26
CA VAL A 169 9.69 -1.48 7.55
C VAL A 169 8.29 -1.97 7.93
N ASN A 170 8.16 -2.38 9.20
CA ASN A 170 6.88 -2.83 9.71
C ASN A 170 6.14 -1.55 10.09
N TYR A 171 4.82 -1.59 10.04
CA TYR A 171 4.01 -0.44 10.44
C TYR A 171 2.69 -1.00 10.94
N ARG A 172 2.09 -0.28 11.87
CA ARG A 172 0.82 -0.67 12.46
C ARG A 172 -0.32 -0.59 11.46
N VAL A 173 -1.16 -1.63 11.44
CA VAL A 173 -2.30 -1.72 10.53
C VAL A 173 -3.62 -1.83 11.29
N SER A 174 -4.73 -1.65 10.58
CA SER A 174 -6.07 -1.75 11.14
C SER A 174 -6.25 -0.75 12.29
N SER A 175 -7.12 -1.06 13.25
CA SER A 175 -7.38 -0.17 14.39
C SER A 175 -6.11 0.34 15.09
N TRP A 176 -5.14 -0.53 15.26
CA TRP A 176 -3.90 -0.16 15.91
C TRP A 176 -3.13 0.97 15.21
N GLY A 177 -3.14 0.99 13.89
CA GLY A 177 -2.42 2.03 13.17
C GLY A 177 -3.19 3.09 12.40
N PHE A 178 -4.49 2.87 12.20
CA PHE A 178 -5.31 3.81 11.44
C PHE A 178 -6.68 4.18 12.04
N LEU A 179 -6.76 4.20 13.36
CA LEU A 179 -7.98 4.57 14.04
C LEU A 179 -8.17 6.05 13.74
N ALA A 180 -9.42 6.48 13.62
CA ALA A 180 -9.77 7.87 13.33
C ALA A 180 -10.89 8.41 14.24
N GLY A 181 -11.57 9.48 13.80
CA GLY A 181 -12.64 10.07 14.58
C GLY A 181 -12.27 11.37 15.25
N ASP A 182 -13.26 12.01 15.86
CA ASP A 182 -13.09 13.28 16.59
C ASP A 182 -11.97 13.27 17.62
N GLU A 183 -12.01 12.28 18.52
CA GLU A 183 -11.02 12.14 19.58
C GLU A 183 -9.60 12.02 19.02
N ILE A 184 -9.41 11.13 18.04
CA ILE A 184 -8.12 10.94 17.41
C ILE A 184 -7.60 12.23 16.78
N LYS A 185 -8.50 13.02 16.20
CA LYS A 185 -8.07 14.27 15.60
C LYS A 185 -7.61 15.23 16.69
N ALA A 186 -8.47 15.46 17.68
CA ALA A 186 -8.21 16.36 18.80
C ALA A 186 -6.86 16.08 19.45
N GLU A 187 -6.51 14.81 19.56
CA GLU A 187 -5.25 14.40 20.17
C GLU A 187 -4.00 14.54 19.29
N GLY A 188 -4.20 14.56 17.98
CA GLY A 188 -3.09 14.67 17.04
C GLY A 188 -2.46 13.32 16.76
N SER A 189 -3.29 12.27 16.83
CA SER A 189 -2.83 10.91 16.61
C SER A 189 -3.31 10.23 15.30
N ALA A 190 -3.62 11.02 14.28
CA ALA A 190 -4.10 10.42 13.03
C ALA A 190 -2.97 9.78 12.25
N ASN A 191 -3.31 8.75 11.45
CA ASN A 191 -2.36 8.06 10.60
C ASN A 191 -1.11 7.57 11.29
N ALA A 192 -1.27 6.89 12.43
CA ALA A 192 -0.13 6.38 13.19
C ALA A 192 0.71 5.42 12.36
N GLY A 193 0.06 4.56 11.56
CA GLY A 193 0.77 3.60 10.73
C GLY A 193 1.68 4.24 9.68
N LEU A 194 1.27 5.42 9.19
CA LEU A 194 2.07 6.15 8.20
C LEU A 194 3.27 6.80 8.91
N LYS A 195 3.09 7.13 10.18
CA LYS A 195 4.14 7.74 10.99
C LYS A 195 5.20 6.70 11.32
N ASP A 196 4.77 5.45 11.48
CA ASP A 196 5.70 4.37 11.75
C ASP A 196 6.58 4.32 10.53
N GLN A 197 5.94 4.34 9.36
CA GLN A 197 6.69 4.33 8.10
C GLN A 197 7.66 5.51 7.98
N ARG A 198 7.24 6.69 8.45
CA ARG A 198 8.07 7.90 8.37
C ARG A 198 9.31 7.83 9.26
N LEU A 199 9.16 7.24 10.46
CA LEU A 199 10.27 7.08 11.39
C LEU A 199 11.28 6.09 10.79
N GLY A 200 10.79 5.02 10.16
CA GLY A 200 11.69 4.05 9.54
C GLY A 200 12.58 4.76 8.53
N MET A 201 11.99 5.66 7.76
CA MET A 201 12.73 6.44 6.79
C MET A 201 13.82 7.24 7.50
N GLN A 202 13.44 7.96 8.57
CA GLN A 202 14.41 8.75 9.31
C GLN A 202 15.51 7.86 9.84
N TRP A 203 15.18 6.65 10.22
CA TRP A 203 16.15 5.69 10.73
C TRP A 203 17.12 5.28 9.62
N VAL A 204 16.61 5.08 8.41
CA VAL A 204 17.46 4.71 7.28
C VAL A 204 18.41 5.87 6.98
N ALA A 205 17.91 7.10 7.01
CA ALA A 205 18.73 8.29 6.76
C ALA A 205 19.95 8.32 7.69
N ASP A 206 19.69 8.07 8.97
CA ASP A 206 20.72 8.07 10.00
C ASP A 206 21.63 6.82 10.04
N ASN A 207 21.08 5.64 9.73
CA ASN A 207 21.86 4.42 9.86
C ASN A 207 22.27 3.62 8.65
N ILE A 208 21.64 3.84 7.50
CA ILE A 208 21.97 3.03 6.32
C ILE A 208 23.44 3.02 5.89
N ALA A 209 24.16 4.12 6.12
CA ALA A 209 25.57 4.21 5.77
C ALA A 209 26.37 3.06 6.38
N ALA A 210 26.05 2.72 7.63
CA ALA A 210 26.73 1.62 8.35
C ALA A 210 26.58 0.29 7.64
N PHE A 211 25.52 0.16 6.84
CA PHE A 211 25.27 -1.07 6.10
C PHE A 211 25.80 -1.06 4.66
N GLY A 212 26.29 0.08 4.20
CA GLY A 212 26.82 0.13 2.84
C GLY A 212 25.92 0.86 1.86
N GLY A 213 24.80 1.38 2.36
CA GLY A 213 23.88 2.10 1.50
C GLY A 213 24.09 3.60 1.56
N ASP A 214 23.65 4.31 0.52
CA ASP A 214 23.80 5.78 0.47
C ASP A 214 22.46 6.41 0.81
N PRO A 215 22.39 7.14 1.93
CA PRO A 215 21.14 7.80 2.35
C PRO A 215 20.59 8.82 1.35
N THR A 216 21.41 9.28 0.42
CA THR A 216 20.99 10.24 -0.60
C THR A 216 20.42 9.54 -1.85
N LYS A 217 20.43 8.21 -1.86
CA LYS A 217 19.92 7.46 -2.98
C LYS A 217 18.83 6.49 -2.55
N VAL A 218 17.81 7.00 -1.87
CA VAL A 218 16.71 6.18 -1.39
C VAL A 218 15.51 6.28 -2.33
N THR A 219 15.02 5.14 -2.78
CA THR A 219 13.82 5.10 -3.63
C THR A 219 12.77 4.34 -2.80
N ILE A 220 11.62 4.96 -2.56
CA ILE A 220 10.58 4.28 -1.81
C ILE A 220 9.67 3.55 -2.78
N PHE A 221 9.16 2.40 -2.39
CA PHE A 221 8.27 1.64 -3.26
C PHE A 221 7.41 0.66 -2.49
N GLY A 222 6.19 0.50 -2.95
CA GLY A 222 5.26 -0.41 -2.31
C GLY A 222 4.21 -0.81 -3.31
N GLU A 223 3.31 -1.69 -2.89
CA GLU A 223 2.24 -2.17 -3.75
C GLU A 223 0.93 -2.07 -3.02
N SER A 224 -0.13 -1.71 -3.75
CA SER A 224 -1.46 -1.57 -3.18
C SER A 224 -1.47 -0.58 -2.01
N ALA A 225 -1.66 -1.04 -0.77
CA ALA A 225 -1.63 -0.13 0.38
C ALA A 225 -0.22 0.47 0.55
N GLY A 226 0.81 -0.29 0.19
CA GLY A 226 2.16 0.23 0.28
C GLY A 226 2.32 1.34 -0.75
N SER A 227 1.65 1.18 -1.90
CA SER A 227 1.71 2.16 -2.98
C SER A 227 0.99 3.46 -2.63
N MET A 228 -0.20 3.33 -2.05
CA MET A 228 -0.95 4.51 -1.65
C MET A 228 -0.16 5.23 -0.58
N SER A 229 0.67 4.46 0.14
CA SER A 229 1.56 4.93 1.20
C SER A 229 2.66 5.79 0.60
N VAL A 230 3.23 5.32 -0.51
CA VAL A 230 4.26 6.07 -1.19
C VAL A 230 3.66 7.42 -1.63
N MET A 231 2.41 7.42 -2.11
CA MET A 231 1.75 8.66 -2.53
C MET A 231 1.61 9.58 -1.32
N CYS A 232 1.13 9.05 -0.21
CA CYS A 232 1.00 9.83 1.01
C CYS A 232 2.34 10.47 1.44
N HIS A 233 3.45 9.76 1.29
CA HIS A 233 4.75 10.33 1.66
C HIS A 233 5.18 11.47 0.76
N ILE A 234 4.72 11.44 -0.49
CA ILE A 234 5.01 12.47 -1.47
C ILE A 234 4.22 13.73 -1.13
N LEU A 235 3.04 13.52 -0.54
CA LEU A 235 2.13 14.61 -0.13
C LEU A 235 2.29 15.09 1.31
N TRP A 236 3.03 14.30 2.09
CA TRP A 236 3.29 14.57 3.51
C TRP A 236 3.87 15.94 3.72
N ASN A 237 3.34 16.64 4.71
CA ASN A 237 3.81 17.97 5.04
C ASN A 237 3.85 18.87 3.81
N ASP A 238 2.74 18.86 3.06
CA ASP A 238 2.57 19.68 1.85
C ASP A 238 3.69 19.53 0.83
N GLY A 239 4.38 18.39 0.89
CA GLY A 239 5.45 18.10 -0.04
C GLY A 239 6.86 18.16 0.51
N ASP A 240 7.02 18.58 1.77
CA ASP A 240 8.35 18.67 2.32
C ASP A 240 8.83 17.30 2.82
N ASN A 241 9.70 16.67 2.05
CA ASN A 241 10.21 15.35 2.40
C ASN A 241 11.63 15.35 3.01
N THR A 242 12.05 16.49 3.58
CA THR A 242 13.39 16.55 4.15
C THR A 242 13.44 16.19 5.62
N TYR A 243 14.63 15.78 6.05
CA TYR A 243 14.96 15.36 7.41
C TYR A 243 16.36 15.89 7.61
N LYS A 244 16.56 16.74 8.62
CA LYS A 244 17.88 17.30 8.87
C LYS A 244 18.42 18.06 7.65
N GLY A 245 17.52 18.66 6.89
CA GLY A 245 17.93 19.39 5.70
C GLY A 245 18.16 18.60 4.41
N LYS A 246 17.91 17.31 4.43
CA LYS A 246 18.08 16.49 3.23
C LYS A 246 16.83 15.69 2.98
N PRO A 247 16.47 15.49 1.71
CA PRO A 247 15.28 14.72 1.33
C PRO A 247 15.41 13.32 1.87
N LEU A 248 14.28 12.72 2.25
CA LEU A 248 14.28 11.36 2.77
C LEU A 248 14.33 10.30 1.66
N PHE A 249 14.07 10.71 0.41
CA PHE A 249 14.09 9.78 -0.72
C PHE A 249 14.15 10.59 -2.00
N ARG A 250 14.83 10.06 -3.02
CA ARG A 250 14.95 10.74 -4.30
C ARG A 250 13.98 10.25 -5.38
N ALA A 251 13.19 9.21 -5.10
CA ALA A 251 12.27 8.68 -6.10
C ALA A 251 11.21 7.79 -5.50
N GLY A 252 10.25 7.38 -6.34
CA GLY A 252 9.18 6.52 -5.89
C GLY A 252 8.63 5.64 -6.99
N ILE A 253 8.23 4.42 -6.61
CA ILE A 253 7.67 3.44 -7.52
C ILE A 253 6.38 2.96 -6.91
N MET A 254 5.27 3.29 -7.55
CA MET A 254 3.96 2.91 -7.06
C MET A 254 3.33 1.79 -7.89
N GLN A 255 3.23 0.60 -7.30
CA GLN A 255 2.63 -0.58 -7.96
C GLN A 255 1.17 -0.70 -7.50
N SER A 256 0.23 -0.21 -8.33
CA SER A 256 -1.21 -0.25 -8.05
C SER A 256 -1.70 0.62 -6.88
N GLY A 257 -1.90 1.92 -7.12
CA GLY A 257 -2.39 2.79 -6.05
C GLY A 257 -1.76 4.17 -6.01
N ALA A 258 -2.59 5.20 -6.15
CA ALA A 258 -2.16 6.59 -6.12
C ALA A 258 -2.76 7.25 -4.87
N MET A 259 -3.54 8.33 -5.02
CA MET A 259 -4.15 8.99 -3.86
C MET A 259 -5.20 8.07 -3.22
N VAL A 260 -5.48 8.29 -1.94
CA VAL A 260 -6.50 7.54 -1.22
C VAL A 260 -7.77 8.40 -1.33
N PRO A 261 -8.89 7.81 -1.79
CA PRO A 261 -10.17 8.51 -1.95
C PRO A 261 -10.90 8.61 -0.62
N SER A 262 -10.29 9.29 0.36
CA SER A 262 -10.88 9.37 1.69
C SER A 262 -11.18 10.75 2.23
N ASP A 263 -12.22 10.81 3.06
CA ASP A 263 -12.65 12.02 3.76
C ASP A 263 -11.68 12.21 4.93
N ALA A 264 -11.86 13.32 5.65
CA ALA A 264 -11.04 13.66 6.80
C ALA A 264 -11.17 12.67 7.95
N VAL A 265 -10.19 12.73 8.85
CA VAL A 265 -10.14 11.85 10.02
C VAL A 265 -11.33 12.02 10.96
N ASP A 266 -11.85 13.24 11.07
CA ASP A 266 -13.02 13.48 11.94
C ASP A 266 -14.28 13.49 11.08
N GLY A 267 -14.19 12.81 9.95
CA GLY A 267 -15.29 12.70 9.03
C GLY A 267 -16.42 11.82 9.52
N ILE A 268 -17.26 11.44 8.58
CA ILE A 268 -18.43 10.66 8.87
C ILE A 268 -18.19 9.16 9.15
N TYR A 269 -17.47 8.48 8.27
CA TYR A 269 -17.21 7.07 8.48
C TYR A 269 -16.09 6.82 9.46
N GLY A 270 -15.18 7.78 9.59
CA GLY A 270 -14.08 7.63 10.54
C GLY A 270 -14.65 7.63 11.95
N ASN A 271 -15.64 8.49 12.17
CA ASN A 271 -16.31 8.59 13.45
C ASN A 271 -17.19 7.42 13.83
N GLU A 272 -17.92 6.90 12.84
CA GLU A 272 -18.80 5.72 12.99
C GLU A 272 -17.96 4.51 13.42
N ILE A 273 -16.93 4.19 12.65
CA ILE A 273 -16.03 3.08 12.93
C ILE A 273 -15.47 3.20 14.34
N PHE A 274 -14.99 4.39 14.70
CA PHE A 274 -14.46 4.62 16.04
C PHE A 274 -15.50 4.20 17.09
N ASP A 275 -16.70 4.72 16.94
CA ASP A 275 -17.79 4.42 17.87
C ASP A 275 -18.11 2.94 17.92
N LEU A 276 -18.17 2.30 16.75
CA LEU A 276 -18.46 0.88 16.66
C LEU A 276 -17.41 0.10 17.42
N LEU A 277 -16.15 0.37 17.10
CA LEU A 277 -15.03 -0.30 17.76
C LEU A 277 -15.13 -0.11 19.28
N ALA A 278 -15.48 1.10 19.74
CA ALA A 278 -15.59 1.37 21.16
C ALA A 278 -16.66 0.51 21.81
N SER A 279 -17.85 0.44 21.21
CA SER A 279 -18.93 -0.39 21.75
C SER A 279 -18.45 -1.83 21.86
N ASN A 280 -17.79 -2.29 20.80
CA ASN A 280 -17.25 -3.64 20.74
C ASN A 280 -16.32 -3.95 21.91
N ALA A 281 -15.42 -3.03 22.23
CA ALA A 281 -14.46 -3.24 23.33
C ALA A 281 -15.05 -3.04 24.71
N GLY A 282 -16.30 -2.57 24.77
CA GLY A 282 -16.97 -2.34 26.04
C GLY A 282 -16.73 -0.95 26.59
N CYS A 283 -16.48 -0.01 25.69
CA CYS A 283 -16.20 1.37 26.05
C CYS A 283 -17.28 2.37 25.63
N GLY A 284 -18.46 1.88 25.29
CA GLY A 284 -19.54 2.77 24.86
C GLY A 284 -19.95 3.81 25.89
N SER A 285 -19.89 3.43 27.16
CA SER A 285 -20.27 4.31 28.28
C SER A 285 -19.15 5.19 28.84
N ALA A 286 -17.94 5.04 28.32
CA ALA A 286 -16.81 5.81 28.80
C ALA A 286 -16.96 7.25 28.34
N SER A 287 -16.56 8.19 29.20
CA SER A 287 -16.63 9.60 28.84
C SER A 287 -15.47 9.88 27.90
N ASP A 288 -14.37 9.15 28.05
CA ASP A 288 -13.22 9.30 27.17
C ASP A 288 -12.95 7.91 26.63
N LYS A 289 -13.64 7.59 25.54
CA LYS A 289 -13.51 6.30 24.90
C LYS A 289 -12.10 5.94 24.48
N LEU A 290 -11.31 6.96 24.12
CA LEU A 290 -9.94 6.74 23.69
C LEU A 290 -9.12 6.13 24.82
N ALA A 291 -9.22 6.72 26.01
CA ALA A 291 -8.51 6.22 27.19
C ALA A 291 -9.00 4.82 27.50
N CYS A 292 -10.31 4.64 27.42
CA CYS A 292 -10.89 3.33 27.70
C CYS A 292 -10.23 2.33 26.76
N LEU A 293 -10.11 2.69 25.48
CA LEU A 293 -9.49 1.81 24.48
C LEU A 293 -8.02 1.44 24.74
N ARG A 294 -7.28 2.34 25.38
CA ARG A 294 -5.87 2.07 25.68
C ARG A 294 -5.78 1.09 26.85
N GLY A 295 -6.84 1.06 27.66
CA GLY A 295 -6.86 0.19 28.82
C GLY A 295 -7.26 -1.26 28.60
N VAL A 296 -8.01 -1.54 27.54
CA VAL A 296 -8.45 -2.91 27.30
C VAL A 296 -7.29 -3.79 26.91
N SER A 297 -7.40 -5.06 27.22
CA SER A 297 -6.34 -5.99 26.86
C SER A 297 -6.24 -6.10 25.35
N SER A 298 -5.15 -6.71 24.88
CA SER A 298 -4.93 -6.93 23.47
C SER A 298 -6.00 -7.85 22.88
N ASP A 299 -6.46 -8.82 23.68
CA ASP A 299 -7.49 -9.76 23.23
C ASP A 299 -8.82 -9.07 22.94
N THR A 300 -9.23 -8.18 23.84
CA THR A 300 -10.47 -7.43 23.69
C THR A 300 -10.38 -6.50 22.50
N LEU A 301 -9.20 -5.94 22.28
CA LEU A 301 -9.00 -5.02 21.16
C LEU A 301 -9.01 -5.84 19.89
N GLU A 302 -8.27 -6.94 19.87
CA GLU A 302 -8.24 -7.78 18.68
C GLU A 302 -9.64 -8.26 18.34
N ASP A 303 -10.40 -8.62 19.37
CA ASP A 303 -11.75 -9.11 19.18
C ASP A 303 -12.68 -8.02 18.65
N ALA A 304 -12.65 -6.87 19.31
CA ALA A 304 -13.47 -5.73 18.92
C ALA A 304 -13.22 -5.29 17.48
N THR A 305 -11.97 -5.38 17.02
CA THR A 305 -11.61 -4.98 15.65
C THR A 305 -12.15 -5.97 14.64
N ASN A 306 -12.11 -7.26 14.97
CA ASN A 306 -12.61 -8.29 14.06
C ASN A 306 -14.14 -8.23 13.94
N ASN A 307 -14.76 -7.38 14.76
CA ASN A 307 -16.18 -7.20 14.70
C ASN A 307 -16.55 -5.93 13.97
N THR A 308 -15.57 -5.39 13.26
CA THR A 308 -15.78 -4.22 12.42
C THR A 308 -15.43 -4.80 11.06
N PRO A 309 -15.95 -4.21 9.97
CA PRO A 309 -15.67 -4.73 8.64
C PRO A 309 -14.22 -4.87 8.18
N GLY A 310 -13.91 -6.05 7.65
CA GLY A 310 -12.59 -6.34 7.11
C GLY A 310 -12.66 -6.06 5.61
N PHE A 311 -11.52 -5.96 4.94
CA PHE A 311 -11.54 -5.64 3.50
C PHE A 311 -12.31 -6.57 2.55
N LEU A 312 -12.44 -7.85 2.92
CA LEU A 312 -13.15 -8.80 2.07
C LEU A 312 -14.62 -8.85 2.38
N ALA A 313 -15.03 -8.14 3.44
CA ALA A 313 -16.45 -8.11 3.80
C ALA A 313 -17.23 -7.37 2.70
N TYR A 314 -18.56 -7.35 2.82
CA TYR A 314 -19.43 -6.68 1.85
C TYR A 314 -19.06 -5.21 1.60
N SER A 315 -18.58 -4.51 2.63
CA SER A 315 -18.17 -3.10 2.52
C SER A 315 -17.08 -2.88 1.46
N SER A 316 -16.26 -3.90 1.27
CA SER A 316 -15.21 -3.90 0.28
C SER A 316 -14.30 -2.69 0.44
N LEU A 317 -14.03 -2.01 -0.68
CA LEU A 317 -13.19 -0.81 -0.77
C LEU A 317 -13.45 0.26 0.27
N ARG A 318 -14.68 0.37 0.72
CA ARG A 318 -15.05 1.34 1.74
C ARG A 318 -14.46 0.80 3.04
N LEU A 319 -13.14 0.88 3.15
CA LEU A 319 -12.40 0.35 4.29
C LEU A 319 -12.71 1.04 5.60
N SER A 320 -12.66 0.24 6.68
CA SER A 320 -12.88 0.75 8.04
C SER A 320 -11.63 1.55 8.48
N TYR A 321 -10.46 1.13 8.00
CA TYR A 321 -9.18 1.75 8.38
C TYR A 321 -8.35 2.10 7.15
N LEU A 322 -7.93 3.36 7.04
CA LEU A 322 -7.12 3.81 5.90
C LEU A 322 -6.63 5.26 6.12
N PRO A 323 -5.61 5.70 5.37
CA PRO A 323 -5.09 7.07 5.51
C PRO A 323 -6.19 8.09 5.25
N ARG A 324 -6.30 9.06 6.13
CA ARG A 324 -7.30 10.11 6.01
C ARG A 324 -6.70 11.48 6.27
N PRO A 325 -7.06 12.48 5.46
CA PRO A 325 -6.50 13.83 5.67
C PRO A 325 -6.75 14.29 7.11
N ASP A 326 -5.71 14.77 7.76
CA ASP A 326 -5.80 15.22 9.14
C ASP A 326 -5.67 16.73 9.30
N GLY A 327 -5.27 17.42 8.24
CA GLY A 327 -5.12 18.87 8.33
C GLY A 327 -3.81 19.30 8.98
N VAL A 328 -3.00 18.32 9.35
CA VAL A 328 -1.71 18.56 9.99
C VAL A 328 -0.56 18.06 9.13
N ASN A 329 -0.50 16.74 8.87
CA ASN A 329 0.57 16.19 8.04
C ASN A 329 0.13 15.93 6.60
N ILE A 330 -1.18 15.76 6.43
CA ILE A 330 -1.82 15.58 5.11
C ILE A 330 -2.87 16.65 5.33
N THR A 331 -2.61 17.84 4.80
CA THR A 331 -3.48 18.98 5.04
C THR A 331 -4.84 19.09 4.36
N ASP A 332 -5.12 18.20 3.41
CA ASP A 332 -6.37 18.32 2.69
C ASP A 332 -6.62 17.11 1.80
N ASP A 333 -7.81 17.10 1.20
CA ASP A 333 -8.26 16.13 0.21
C ASP A 333 -7.00 15.79 -0.61
N MET A 334 -6.72 14.51 -0.78
CA MET A 334 -5.54 14.13 -1.53
C MET A 334 -5.56 14.49 -3.01
N TYR A 335 -6.75 14.59 -3.60
CA TYR A 335 -6.84 14.97 -5.02
C TYR A 335 -6.53 16.45 -5.22
N ALA A 336 -6.94 17.25 -4.23
CA ALA A 336 -6.74 18.68 -4.23
C ALA A 336 -5.28 19.02 -4.02
N LEU A 337 -4.61 18.27 -3.14
CA LEU A 337 -3.19 18.51 -2.87
C LEU A 337 -2.39 18.36 -4.15
N VAL A 338 -2.77 17.35 -4.93
CA VAL A 338 -2.14 17.07 -6.22
C VAL A 338 -2.44 18.18 -7.26
N ARG A 339 -3.69 18.66 -7.32
CA ARG A 339 -4.04 19.75 -8.24
C ARG A 339 -3.31 21.06 -7.86
N GLU A 340 -3.16 21.30 -6.55
CA GLU A 340 -2.52 22.47 -5.97
C GLU A 340 -0.99 22.45 -5.89
N GLY A 341 -0.36 21.40 -6.43
CA GLY A 341 1.08 21.27 -6.43
C GLY A 341 1.81 21.05 -5.11
N LYS A 342 1.10 20.56 -4.10
CA LYS A 342 1.68 20.34 -2.77
C LYS A 342 2.23 18.94 -2.59
N TYR A 343 3.25 18.65 -3.38
CA TYR A 343 3.92 17.35 -3.35
C TYR A 343 5.41 17.55 -3.51
N ALA A 344 6.15 16.49 -3.22
CA ALA A 344 7.59 16.49 -3.39
C ALA A 344 7.88 16.38 -4.89
N ASN A 345 8.93 17.02 -5.36
CA ASN A 345 9.26 16.97 -6.78
C ASN A 345 10.25 15.85 -7.06
N ILE A 346 9.72 14.66 -7.33
CA ILE A 346 10.56 13.50 -7.60
C ILE A 346 10.14 12.69 -8.81
N PRO A 347 11.11 12.02 -9.48
CA PRO A 347 10.76 11.22 -10.65
C PRO A 347 9.97 10.02 -10.11
N VAL A 348 9.00 9.53 -10.85
CA VAL A 348 8.16 8.41 -10.38
C VAL A 348 7.75 7.41 -11.45
N ILE A 349 7.59 6.17 -11.03
CA ILE A 349 7.09 5.13 -11.92
C ILE A 349 5.81 4.76 -11.19
N ILE A 350 4.71 4.66 -11.93
CA ILE A 350 3.43 4.27 -11.35
C ILE A 350 2.64 3.46 -12.36
N GLY A 351 2.28 2.24 -11.99
CA GLY A 351 1.55 1.41 -12.92
C GLY A 351 0.46 0.60 -12.27
N ASP A 352 -0.26 -0.17 -13.09
CA ASP A 352 -1.37 -1.01 -12.65
C ASP A 352 -1.43 -2.36 -13.32
N GLN A 353 -2.35 -3.18 -12.80
CA GLN A 353 -2.63 -4.50 -13.32
C GLN A 353 -3.97 -4.26 -14.06
N ASN A 354 -4.14 -4.86 -15.22
CA ASN A 354 -5.35 -4.68 -16.00
C ASN A 354 -6.64 -4.90 -15.19
N ASP A 355 -6.65 -5.90 -14.33
CA ASP A 355 -7.87 -6.20 -13.59
C ASP A 355 -7.81 -6.03 -12.09
N GLU A 356 -7.57 -4.79 -11.68
CA GLU A 356 -7.47 -4.43 -10.28
C GLU A 356 -8.70 -4.75 -9.42
N GLY A 357 -9.88 -4.62 -10.00
CA GLY A 357 -11.08 -4.84 -9.22
C GLY A 357 -11.72 -6.21 -9.05
N THR A 358 -11.27 -7.21 -9.78
CA THR A 358 -11.90 -8.53 -9.67
C THR A 358 -11.85 -9.13 -8.28
N PHE A 359 -10.82 -8.79 -7.52
CA PHE A 359 -10.72 -9.28 -6.16
C PHE A 359 -11.81 -8.73 -5.29
N PHE A 360 -11.94 -7.41 -5.33
CA PHE A 360 -12.94 -6.71 -4.54
C PHE A 360 -14.39 -7.01 -4.99
N GLY A 361 -14.55 -7.34 -6.26
CA GLY A 361 -15.86 -7.64 -6.80
C GLY A 361 -16.41 -8.93 -6.25
N THR A 362 -15.55 -9.76 -5.68
CA THR A 362 -16.02 -11.03 -5.12
C THR A 362 -16.80 -10.84 -3.83
N SER A 363 -16.64 -9.67 -3.22
CA SER A 363 -17.31 -9.31 -1.96
C SER A 363 -18.78 -8.90 -2.03
N SER A 364 -19.31 -8.72 -3.24
CA SER A 364 -20.71 -8.31 -3.41
C SER A 364 -21.45 -9.18 -4.44
N LEU A 365 -21.18 -10.49 -4.43
CA LEU A 365 -21.80 -11.41 -5.39
C LEU A 365 -23.28 -11.71 -5.11
N ASN A 366 -23.87 -11.02 -4.12
CA ASN A 366 -25.28 -11.18 -3.81
C ASN A 366 -26.05 -10.02 -4.44
N VAL A 367 -25.34 -9.26 -5.28
CA VAL A 367 -25.92 -8.13 -6.00
C VAL A 367 -26.02 -8.66 -7.44
N THR A 368 -27.23 -8.77 -7.96
CA THR A 368 -27.45 -9.33 -9.28
C THR A 368 -28.29 -8.51 -10.25
N THR A 369 -29.05 -7.55 -9.76
CA THR A 369 -29.89 -6.73 -10.64
C THR A 369 -29.38 -5.31 -10.60
N ASP A 370 -29.69 -4.54 -11.64
CA ASP A 370 -29.28 -3.15 -11.72
C ASP A 370 -29.82 -2.39 -10.51
N ALA A 371 -31.01 -2.77 -10.05
CA ALA A 371 -31.58 -2.10 -8.89
C ALA A 371 -30.65 -2.33 -7.69
N GLN A 372 -30.21 -3.56 -7.49
CA GLN A 372 -29.30 -3.81 -6.37
C GLN A 372 -27.93 -3.10 -6.56
N ALA A 373 -27.44 -3.04 -7.80
CA ALA A 373 -26.16 -2.41 -8.11
C ALA A 373 -26.16 -0.93 -7.74
N ARG A 374 -27.26 -0.25 -8.08
CA ARG A 374 -27.40 1.17 -7.81
C ARG A 374 -27.39 1.43 -6.31
N GLU A 375 -28.03 0.55 -5.55
CA GLU A 375 -28.07 0.72 -4.11
C GLU A 375 -26.74 0.35 -3.45
N TYR A 376 -26.02 -0.60 -4.01
CA TYR A 376 -24.72 -0.97 -3.44
C TYR A 376 -23.80 0.24 -3.56
N PHE A 377 -23.75 0.82 -4.76
CA PHE A 377 -22.93 2.01 -5.01
C PHE A 377 -23.37 3.15 -4.09
N LYS A 378 -24.68 3.33 -3.91
CA LYS A 378 -25.23 4.37 -3.04
C LYS A 378 -24.78 4.21 -1.58
N GLN A 379 -24.66 2.97 -1.12
CA GLN A 379 -24.23 2.70 0.24
C GLN A 379 -22.72 2.89 0.38
N SER A 380 -22.00 2.64 -0.71
CA SER A 380 -20.55 2.77 -0.70
C SER A 380 -20.08 4.22 -0.79
N PHE A 381 -20.73 5.00 -1.66
CA PHE A 381 -20.38 6.41 -1.91
C PHE A 381 -21.46 7.36 -1.42
N VAL A 382 -21.46 7.60 -0.13
CA VAL A 382 -22.46 8.44 0.51
C VAL A 382 -22.54 9.90 0.06
N HIS A 383 -21.50 10.38 -0.61
CA HIS A 383 -21.46 11.77 -1.07
C HIS A 383 -21.88 11.89 -2.53
N ALA A 384 -22.31 10.80 -3.15
CA ALA A 384 -22.69 10.85 -4.55
C ALA A 384 -24.21 11.00 -4.72
N SER A 385 -24.60 12.00 -5.51
CA SER A 385 -26.01 12.26 -5.80
C SER A 385 -26.55 11.22 -6.77
N ASP A 386 -27.86 11.05 -6.79
CA ASP A 386 -28.49 10.09 -7.70
C ASP A 386 -28.07 10.33 -9.13
N ALA A 387 -27.88 11.60 -9.48
CA ALA A 387 -27.48 11.97 -10.81
C ALA A 387 -26.09 11.41 -11.12
N GLU A 388 -25.17 11.56 -10.17
CA GLU A 388 -23.80 11.05 -10.35
C GLU A 388 -23.78 9.52 -10.38
N ILE A 389 -24.67 8.90 -9.60
CA ILE A 389 -24.77 7.45 -9.57
C ILE A 389 -25.25 7.00 -10.95
N ASP A 390 -26.17 7.76 -11.52
CA ASP A 390 -26.69 7.43 -12.83
C ASP A 390 -25.64 7.59 -13.91
N THR A 391 -24.82 8.63 -13.81
CA THR A 391 -23.78 8.85 -14.81
C THR A 391 -22.76 7.73 -14.78
N LEU A 392 -22.44 7.27 -13.57
CA LEU A 392 -21.48 6.18 -13.34
C LEU A 392 -21.97 4.89 -13.95
N MET A 393 -23.26 4.61 -13.74
CA MET A 393 -23.91 3.41 -14.24
C MET A 393 -24.19 3.45 -15.74
N THR A 394 -23.79 4.54 -16.38
CA THR A 394 -23.92 4.73 -17.81
C THR A 394 -22.50 4.54 -18.36
N ALA A 395 -21.51 5.03 -17.63
CA ALA A 395 -20.11 4.88 -18.03
C ALA A 395 -19.68 3.42 -17.86
N TYR A 396 -20.22 2.76 -16.83
CA TYR A 396 -19.95 1.33 -16.55
C TYR A 396 -21.31 0.67 -16.60
N PRO A 397 -21.73 0.26 -17.80
CA PRO A 397 -23.01 -0.41 -18.10
C PRO A 397 -23.09 -1.88 -17.68
N GLY A 398 -24.32 -2.40 -17.67
CA GLY A 398 -24.55 -3.78 -17.30
C GLY A 398 -23.97 -4.77 -18.30
N ASP A 399 -23.76 -4.31 -19.52
CA ASP A 399 -23.22 -5.14 -20.58
C ASP A 399 -22.01 -5.93 -20.04
N ILE A 400 -22.18 -7.22 -19.83
CA ILE A 400 -21.10 -8.05 -19.28
C ILE A 400 -19.84 -8.10 -20.13
N THR A 401 -19.96 -7.76 -21.41
CA THR A 401 -18.78 -7.79 -22.27
C THR A 401 -17.84 -6.62 -22.00
N GLN A 402 -18.38 -5.58 -21.36
CA GLN A 402 -17.65 -4.35 -21.08
C GLN A 402 -16.88 -4.31 -19.76
N GLY A 403 -17.18 -5.25 -18.87
CA GLY A 403 -16.52 -5.26 -17.59
C GLY A 403 -15.23 -6.02 -17.44
N SER A 404 -14.74 -6.05 -16.20
CA SER A 404 -13.50 -6.70 -15.77
C SER A 404 -13.80 -8.09 -15.21
N PRO A 405 -13.02 -9.10 -15.58
CA PRO A 405 -11.86 -9.17 -16.47
C PRO A 405 -12.10 -8.58 -17.85
N PHE A 406 -11.39 -7.49 -18.15
CA PHE A 406 -11.53 -6.82 -19.43
C PHE A 406 -11.22 -7.67 -20.65
N ASP A 407 -12.05 -7.50 -21.68
CA ASP A 407 -11.93 -8.21 -22.96
C ASP A 407 -12.16 -9.70 -22.88
N THR A 408 -13.10 -10.15 -22.04
CA THR A 408 -13.34 -11.57 -21.97
C THR A 408 -14.71 -11.96 -22.49
N GLY A 409 -15.42 -10.99 -23.05
CA GLY A 409 -16.72 -11.26 -23.61
C GLY A 409 -17.78 -11.65 -22.61
N ILE A 410 -18.46 -12.76 -22.86
CA ILE A 410 -19.52 -13.23 -21.97
C ILE A 410 -19.06 -14.21 -20.91
N LEU A 411 -17.75 -14.34 -20.78
CA LEU A 411 -17.18 -15.23 -19.78
C LEU A 411 -17.10 -14.48 -18.44
N ASN A 412 -16.85 -15.24 -17.38
CA ASN A 412 -16.71 -14.69 -16.03
C ASN A 412 -17.98 -14.02 -15.57
N ALA A 413 -19.10 -14.53 -16.04
CA ALA A 413 -20.40 -13.98 -15.65
C ALA A 413 -20.90 -14.66 -14.37
N LEU A 414 -20.17 -14.46 -13.27
CA LEU A 414 -20.54 -15.08 -12.00
C LEU A 414 -21.94 -14.59 -11.68
N THR A 415 -22.18 -13.31 -11.94
CA THR A 415 -23.49 -12.69 -11.75
C THR A 415 -23.56 -11.66 -12.88
N PRO A 416 -24.73 -11.09 -13.11
CA PRO A 416 -24.89 -10.09 -14.15
C PRO A 416 -24.18 -8.77 -13.82
N GLN A 417 -23.84 -8.56 -12.54
CA GLN A 417 -23.18 -7.32 -12.07
C GLN A 417 -21.70 -7.42 -11.65
N PHE A 418 -21.19 -8.65 -11.48
CA PHE A 418 -19.79 -8.88 -11.06
C PHE A 418 -18.76 -8.11 -11.86
N LYS A 419 -18.74 -8.32 -13.16
CA LYS A 419 -17.79 -7.65 -14.02
C LYS A 419 -17.96 -6.13 -13.97
N ARG A 420 -19.19 -5.67 -13.74
CA ARG A 420 -19.51 -4.24 -13.67
C ARG A 420 -18.88 -3.60 -12.45
N ILE A 421 -19.23 -4.17 -11.29
CA ILE A 421 -18.75 -3.74 -9.99
C ILE A 421 -17.21 -3.78 -9.93
N SER A 422 -16.61 -4.81 -10.53
CA SER A 422 -15.16 -4.93 -10.59
C SER A 422 -14.56 -3.80 -11.44
N ALA A 423 -15.15 -3.51 -12.59
CA ALA A 423 -14.66 -2.44 -13.46
C ALA A 423 -14.61 -1.11 -12.71
N VAL A 424 -15.69 -0.80 -11.97
CA VAL A 424 -15.77 0.45 -11.19
C VAL A 424 -14.74 0.55 -10.06
N LEU A 425 -14.83 -0.38 -9.10
CA LEU A 425 -13.92 -0.43 -7.95
C LEU A 425 -12.43 -0.38 -8.30
N GLY A 426 -12.02 -1.17 -9.28
CA GLY A 426 -10.62 -1.19 -9.68
C GLY A 426 -10.17 0.11 -10.32
N ASP A 427 -11.09 0.83 -10.98
CA ASP A 427 -10.79 2.10 -11.65
C ASP A 427 -10.69 3.27 -10.67
N LEU A 428 -11.66 3.37 -9.78
CA LEU A 428 -11.70 4.43 -8.77
C LEU A 428 -10.55 4.26 -7.79
N GLY A 429 -10.40 3.04 -7.28
CA GLY A 429 -9.35 2.78 -6.32
C GLY A 429 -7.94 2.81 -6.88
N PHE A 430 -7.74 2.38 -8.11
CA PHE A 430 -6.39 2.34 -8.64
C PHE A 430 -6.15 2.85 -10.06
N THR A 431 -6.59 2.08 -11.05
CA THR A 431 -6.36 2.38 -12.46
C THR A 431 -6.60 3.76 -13.07
N LEU A 432 -7.78 4.35 -12.83
CA LEU A 432 -8.07 5.66 -13.36
C LEU A 432 -7.61 6.72 -12.36
N ALA A 433 -7.50 6.31 -11.10
CA ALA A 433 -6.98 7.18 -10.05
C ALA A 433 -5.56 7.60 -10.49
N ARG A 434 -4.78 6.61 -10.94
CA ARG A 434 -3.43 6.82 -11.45
C ARG A 434 -3.39 7.88 -12.56
N ARG A 435 -4.21 7.70 -13.62
CA ARG A 435 -4.26 8.68 -14.72
C ARG A 435 -4.48 10.11 -14.21
N TYR A 436 -5.35 10.26 -13.22
CA TYR A 436 -5.60 11.58 -12.63
C TYR A 436 -4.32 12.17 -12.00
N PHE A 437 -3.54 11.33 -11.32
CA PHE A 437 -2.30 11.80 -10.71
C PHE A 437 -1.39 12.25 -11.84
N LEU A 438 -1.23 11.37 -12.82
CA LEU A 438 -0.37 11.61 -13.95
C LEU A 438 -0.71 12.85 -14.74
N ASN A 439 -1.99 13.16 -14.91
CA ASN A 439 -2.40 14.35 -15.66
C ASN A 439 -2.13 15.65 -14.91
N HIS A 440 -2.04 15.58 -13.58
CA HIS A 440 -1.81 16.76 -12.76
C HIS A 440 -0.40 16.91 -12.21
N TYR A 441 0.34 15.82 -12.14
CA TYR A 441 1.68 15.84 -11.57
C TYR A 441 2.81 16.37 -12.45
N THR A 442 3.50 17.40 -11.96
CA THR A 442 4.63 17.99 -12.69
C THR A 442 5.93 17.99 -11.86
N GLY A 443 5.93 17.24 -10.76
CA GLY A 443 7.10 17.19 -9.90
C GLY A 443 8.37 16.64 -10.50
N GLY A 444 8.26 15.68 -11.42
CA GLY A 444 9.45 15.12 -12.05
C GLY A 444 9.07 14.26 -13.24
N THR A 445 10.02 13.51 -13.78
CA THR A 445 9.75 12.64 -14.92
C THR A 445 8.81 11.53 -14.46
N LYS A 446 7.79 11.23 -15.26
CA LYS A 446 6.86 10.18 -14.91
C LYS A 446 6.96 9.02 -15.88
N TYR A 447 6.79 7.81 -15.37
CA TYR A 447 6.81 6.60 -16.18
C TYR A 447 5.61 5.79 -15.71
N SER A 448 4.90 5.16 -16.64
CA SER A 448 3.73 4.39 -16.28
C SER A 448 3.68 3.06 -17.07
N PHE A 449 3.13 2.01 -16.45
CA PHE A 449 3.00 0.70 -17.11
C PHE A 449 1.60 0.11 -16.84
N LEU A 450 1.19 -0.85 -17.68
CA LEU A 450 -0.10 -1.52 -17.49
C LEU A 450 0.15 -2.99 -17.80
N SER A 451 -0.16 -3.86 -16.86
CA SER A 451 0.05 -5.28 -17.09
C SER A 451 -1.16 -6.06 -17.58
N LYS A 452 -0.92 -6.95 -18.52
CA LYS A 452 -1.94 -7.81 -19.08
C LYS A 452 -1.29 -9.17 -19.15
N GLN A 453 -0.30 -9.38 -18.28
CA GLN A 453 0.47 -10.61 -18.23
C GLN A 453 -0.36 -11.86 -18.03
N LEU A 454 -1.43 -11.75 -17.25
CA LEU A 454 -2.26 -12.90 -16.95
C LEU A 454 -3.59 -12.98 -17.72
N SER A 455 -3.65 -12.33 -18.88
CA SER A 455 -4.85 -12.35 -19.71
C SER A 455 -5.28 -13.80 -19.97
N GLY A 456 -6.55 -14.07 -19.74
CA GLY A 456 -7.05 -15.42 -19.94
C GLY A 456 -7.27 -16.16 -18.63
N LEU A 457 -6.70 -15.68 -17.52
CA LEU A 457 -6.89 -16.33 -16.23
C LEU A 457 -8.35 -16.19 -15.86
N PRO A 458 -9.07 -17.31 -15.74
CA PRO A 458 -10.50 -17.26 -15.39
C PRO A 458 -10.79 -16.50 -14.09
N VAL A 459 -11.97 -15.87 -14.08
CA VAL A 459 -12.52 -15.09 -12.98
C VAL A 459 -11.76 -13.83 -12.56
N LEU A 460 -10.46 -13.94 -12.34
CA LEU A 460 -9.71 -12.78 -11.87
C LEU A 460 -8.93 -11.97 -12.90
N GLY A 461 -8.52 -12.61 -13.99
CA GLY A 461 -7.75 -11.92 -15.03
C GLY A 461 -6.37 -11.52 -14.52
N THR A 462 -5.79 -10.45 -15.08
CA THR A 462 -4.49 -9.97 -14.61
C THR A 462 -4.83 -9.20 -13.32
N PHE A 463 -5.06 -9.97 -12.24
CA PHE A 463 -5.50 -9.48 -10.94
C PHE A 463 -4.55 -8.72 -10.03
N HIS A 464 -5.17 -8.06 -9.07
CA HIS A 464 -4.51 -7.23 -8.09
C HIS A 464 -3.54 -8.05 -7.28
N SER A 465 -2.29 -7.57 -7.24
CA SER A 465 -1.17 -8.19 -6.48
C SER A 465 -0.35 -9.30 -7.15
N ASN A 466 -0.75 -9.73 -8.35
CA ASN A 466 0.00 -10.77 -9.04
C ASN A 466 1.45 -10.33 -9.30
N ASP A 467 1.70 -9.02 -9.22
CA ASP A 467 3.04 -8.49 -9.43
C ASP A 467 4.01 -8.88 -8.33
N ILE A 468 3.48 -9.08 -7.12
CA ILE A 468 4.27 -9.52 -5.97
C ILE A 468 4.89 -10.88 -6.30
N VAL A 469 4.11 -11.74 -6.93
CA VAL A 469 4.55 -13.07 -7.34
C VAL A 469 5.74 -12.95 -8.26
N PHE A 470 5.60 -12.15 -9.33
CA PHE A 470 6.69 -11.98 -10.31
C PHE A 470 7.81 -11.05 -9.90
N GLN A 471 7.70 -10.47 -8.71
CA GLN A 471 8.73 -9.57 -8.18
C GLN A 471 9.53 -10.23 -7.04
N ASP A 472 8.93 -11.17 -6.32
CA ASP A 472 9.58 -11.80 -5.18
C ASP A 472 9.62 -13.33 -5.18
N TYR A 473 8.76 -13.97 -5.97
CA TYR A 473 8.65 -15.42 -6.02
C TYR A 473 9.02 -16.16 -7.30
N LEU A 474 8.38 -15.82 -8.41
CA LEU A 474 8.65 -16.51 -9.66
C LEU A 474 9.11 -15.53 -10.69
N LEU A 475 9.76 -16.04 -11.74
CA LEU A 475 10.23 -15.21 -12.85
C LEU A 475 9.23 -15.33 -14.00
N GLY A 476 9.08 -14.24 -14.73
CA GLY A 476 8.17 -14.24 -15.86
C GLY A 476 8.49 -12.99 -16.64
N SER A 477 7.72 -12.74 -17.70
CA SER A 477 7.94 -11.55 -18.52
C SER A 477 7.86 -10.30 -17.66
N GLY A 478 6.96 -10.35 -16.66
CA GLY A 478 6.76 -9.24 -15.75
C GLY A 478 7.94 -8.87 -14.85
N SER A 479 8.76 -9.86 -14.50
CA SER A 479 9.92 -9.60 -13.63
C SER A 479 10.90 -8.62 -14.29
N LEU A 480 10.81 -8.49 -15.62
CA LEU A 480 11.67 -7.57 -16.37
C LEU A 480 11.43 -6.14 -15.91
N ILE A 481 10.18 -5.86 -15.53
CA ILE A 481 9.79 -4.54 -15.05
C ILE A 481 9.90 -4.48 -13.53
N TYR A 482 9.29 -5.46 -12.88
CA TYR A 482 9.25 -5.54 -11.44
C TYR A 482 10.62 -5.63 -10.77
N ASN A 483 11.60 -6.22 -11.46
CA ASN A 483 12.95 -6.35 -10.92
C ASN A 483 13.87 -5.44 -11.71
N ASN A 484 14.28 -5.88 -12.89
CA ASN A 484 15.20 -5.13 -13.72
C ASN A 484 14.95 -3.64 -13.89
N ALA A 485 13.79 -3.28 -14.43
CA ALA A 485 13.48 -1.88 -14.66
C ALA A 485 13.38 -1.07 -13.38
N PHE A 486 12.87 -1.71 -12.34
CA PHE A 486 12.74 -1.05 -11.04
C PHE A 486 14.11 -0.82 -10.43
N ILE A 487 15.05 -1.71 -10.77
CA ILE A 487 16.43 -1.64 -10.32
C ILE A 487 17.17 -0.50 -11.04
N ALA A 488 17.09 -0.45 -12.37
CA ALA A 488 17.77 0.62 -13.13
C ALA A 488 17.32 2.02 -12.70
N PHE A 489 16.04 2.16 -12.40
CA PHE A 489 15.42 3.40 -11.95
C PHE A 489 15.96 3.82 -10.56
N ALA A 490 16.03 2.87 -9.62
CA ALA A 490 16.56 3.17 -8.28
C ALA A 490 18.04 3.58 -8.38
N THR A 491 18.79 2.92 -9.27
CA THR A 491 20.18 3.22 -9.47
C THR A 491 20.46 4.50 -10.31
N ASP A 492 19.79 4.63 -11.45
CA ASP A 492 20.00 5.75 -12.38
C ASP A 492 18.90 6.79 -12.56
N LEU A 493 17.73 6.57 -11.95
CA LEU A 493 16.57 7.46 -12.09
C LEU A 493 16.00 7.47 -13.53
N ASP A 494 16.14 6.33 -14.20
CA ASP A 494 15.69 6.11 -15.56
C ASP A 494 15.64 4.60 -15.73
N PRO A 495 14.44 4.05 -15.92
CA PRO A 495 14.23 2.60 -16.09
C PRO A 495 14.89 2.03 -17.36
N ASN A 496 15.16 2.92 -18.33
CA ASN A 496 15.77 2.50 -19.59
C ASN A 496 17.22 2.04 -19.47
N THR A 497 17.89 2.40 -18.39
CA THR A 497 19.27 1.95 -18.24
C THR A 497 19.35 0.43 -18.02
N ALA A 498 18.21 -0.21 -17.72
CA ALA A 498 18.16 -1.67 -17.50
C ALA A 498 18.56 -2.44 -18.75
N GLY A 499 18.41 -1.81 -19.92
CA GLY A 499 18.76 -2.46 -21.17
C GLY A 499 17.70 -3.41 -21.70
N LEU A 500 16.43 -3.02 -21.60
CA LEU A 500 15.33 -3.85 -22.11
C LEU A 500 15.28 -3.61 -23.62
N LEU A 501 14.65 -4.52 -24.35
CA LEU A 501 14.56 -4.34 -25.80
C LEU A 501 13.53 -3.33 -26.23
N VAL A 502 12.60 -3.00 -25.34
CA VAL A 502 11.55 -2.02 -25.63
C VAL A 502 11.83 -0.78 -24.79
N LYS A 503 11.99 0.38 -25.42
CA LYS A 503 12.22 1.61 -24.67
C LYS A 503 10.93 2.06 -23.96
N TRP A 504 11.08 2.48 -22.71
CA TRP A 504 9.95 2.96 -21.92
C TRP A 504 9.83 4.47 -22.18
N PRO A 505 8.76 4.89 -22.87
CA PRO A 505 8.56 6.31 -23.15
C PRO A 505 8.09 7.09 -21.92
N GLU A 506 8.43 8.37 -21.89
CA GLU A 506 8.06 9.27 -20.81
C GLU A 506 6.57 9.60 -20.90
N TYR A 507 5.91 9.69 -19.76
CA TYR A 507 4.49 9.98 -19.73
C TYR A 507 4.32 11.46 -19.45
N THR A 508 3.67 12.17 -20.35
CA THR A 508 3.42 13.59 -20.15
C THR A 508 1.93 13.83 -19.87
N SER A 509 1.06 13.22 -20.66
CA SER A 509 -0.37 13.38 -20.46
C SER A 509 -1.11 12.26 -21.17
N SER A 510 -2.32 11.95 -20.71
CA SER A 510 -3.12 10.90 -21.35
C SER A 510 -3.69 11.37 -22.70
N SER A 511 -3.54 12.68 -22.95
CA SER A 511 -4.02 13.28 -24.20
C SER A 511 -2.85 13.46 -25.16
N GLN A 512 -1.67 13.00 -24.76
CA GLN A 512 -0.51 13.12 -25.61
C GLN A 512 -0.64 12.15 -26.79
N SER A 513 -0.12 12.55 -27.94
CA SER A 513 -0.15 11.70 -29.11
C SER A 513 1.01 10.74 -28.93
N GLY A 514 0.84 9.51 -29.38
CA GLY A 514 1.91 8.53 -29.25
C GLY A 514 1.79 7.65 -28.01
N ASN A 515 2.42 6.48 -28.08
CA ASN A 515 2.40 5.53 -26.97
C ASN A 515 3.04 6.11 -25.72
N ASN A 516 2.33 5.99 -24.59
CA ASN A 516 2.84 6.50 -23.32
C ASN A 516 2.90 5.49 -22.18
N LEU A 517 2.43 4.27 -22.44
CA LEU A 517 2.43 3.23 -21.41
C LEU A 517 3.30 2.07 -21.80
N MET A 518 3.98 1.49 -20.81
CA MET A 518 4.79 0.29 -20.99
C MET A 518 3.75 -0.81 -20.72
N MET A 519 3.69 -1.83 -21.57
CA MET A 519 2.70 -2.88 -21.41
C MET A 519 3.41 -4.20 -21.28
N ILE A 520 2.75 -5.16 -20.67
CA ILE A 520 3.33 -6.47 -20.46
C ILE A 520 2.31 -7.55 -20.77
N ASN A 521 2.71 -8.53 -21.58
CA ASN A 521 1.85 -9.68 -21.87
C ASN A 521 2.66 -10.93 -21.52
N ALA A 522 2.09 -12.11 -21.69
CA ALA A 522 2.78 -13.35 -21.37
C ALA A 522 4.14 -13.52 -22.05
N LEU A 523 4.27 -12.97 -23.25
CA LEU A 523 5.50 -13.09 -24.02
C LEU A 523 6.55 -12.05 -23.67
N GLY A 524 6.11 -10.84 -23.37
CA GLY A 524 7.05 -9.78 -23.04
C GLY A 524 6.48 -8.39 -22.93
N LEU A 525 7.21 -7.44 -23.50
CA LEU A 525 6.86 -6.05 -23.42
C LEU A 525 6.47 -5.43 -24.77
N TYR A 526 5.66 -4.39 -24.71
CA TYR A 526 5.25 -3.62 -25.89
C TYR A 526 4.74 -2.31 -25.36
N THR A 527 4.40 -1.37 -26.23
CA THR A 527 3.92 -0.07 -25.77
C THR A 527 2.47 0.15 -26.20
N GLY A 528 1.75 0.96 -25.44
CA GLY A 528 0.35 1.23 -25.72
C GLY A 528 -0.07 2.61 -25.27
N LYS A 529 -1.37 2.87 -25.27
CA LYS A 529 -1.88 4.19 -24.90
C LYS A 529 -2.80 4.16 -23.70
N ASP A 530 -2.75 5.23 -22.90
CA ASP A 530 -3.58 5.36 -21.70
C ASP A 530 -4.79 6.23 -22.05
N ASN A 531 -5.67 5.67 -22.87
CA ASN A 531 -6.86 6.38 -23.34
C ASN A 531 -8.15 5.57 -23.21
N PHE A 532 -8.10 4.45 -22.51
CA PHE A 532 -9.28 3.64 -22.34
C PHE A 532 -10.21 4.20 -21.24
N ARG A 533 -11.48 3.82 -21.31
CA ARG A 533 -12.52 4.20 -20.37
C ARG A 533 -12.54 5.67 -19.97
N THR A 534 -12.44 6.55 -20.95
CA THR A 534 -12.45 7.98 -20.69
C THR A 534 -13.76 8.41 -20.05
N ALA A 535 -14.84 7.72 -20.41
CA ALA A 535 -16.16 8.02 -19.85
C ALA A 535 -16.22 7.70 -18.35
N GLY A 536 -15.54 6.62 -17.94
CA GLY A 536 -15.51 6.26 -16.53
C GLY A 536 -14.71 7.29 -15.75
N TYR A 537 -13.65 7.79 -16.39
CA TYR A 537 -12.77 8.80 -15.81
C TYR A 537 -13.54 10.08 -15.43
N ASP A 538 -14.36 10.59 -16.34
CA ASP A 538 -15.14 11.80 -16.07
C ASP A 538 -16.29 11.55 -15.10
N ALA A 539 -16.81 10.33 -15.10
CA ALA A 539 -17.89 9.98 -14.20
C ALA A 539 -17.35 10.02 -12.76
N LEU A 540 -16.13 9.49 -12.61
CA LEU A 540 -15.46 9.38 -11.31
C LEU A 540 -14.75 10.63 -10.78
N PHE A 541 -14.01 11.27 -11.67
CA PHE A 541 -13.20 12.39 -11.29
C PHE A 541 -13.58 13.80 -11.66
N SER A 542 -14.79 13.99 -12.18
CA SER A 542 -15.22 15.34 -12.51
C SER A 542 -15.32 16.10 -11.19
N ASN A 543 -15.72 15.38 -10.15
CA ASN A 543 -15.78 15.92 -8.82
C ASN A 543 -15.44 14.72 -7.94
N PRO A 544 -14.14 14.48 -7.75
CA PRO A 544 -13.58 13.38 -6.97
C PRO A 544 -14.22 13.12 -5.59
N PRO A 545 -14.41 14.17 -4.77
CA PRO A 545 -15.01 13.99 -3.44
C PRO A 545 -16.39 13.37 -3.40
N SER A 546 -17.05 13.23 -4.54
CA SER A 546 -18.37 12.63 -4.59
C SER A 546 -18.25 11.14 -4.37
N PHE A 547 -17.04 10.64 -4.60
CA PHE A 547 -16.71 9.22 -4.48
C PHE A 547 -15.73 8.83 -3.37
N PHE A 548 -15.61 9.67 -2.35
CA PHE A 548 -14.71 9.41 -1.22
C PHE A 548 -15.42 8.58 -0.17
N VAL A 549 -14.63 7.81 0.55
CA VAL A 549 -15.12 6.96 1.63
C VAL A 549 -14.66 7.47 3.00
#